data_5RZD
#
_entry.id   5RZD
#
_cell.length_a   38.570
_cell.length_b   77.510
_cell.length_c   99.800
_cell.angle_alpha   90.000
_cell.angle_beta   90.000
_cell.angle_gamma   90.000
#
_symmetry.space_group_name_H-M   'P 21 21 21'
#
loop_
_entity.id
_entity.type
_entity.pdbx_description
1 polymer 'Isoform 2 of Band 4.1-like protein 3'
2 non-polymer 4-(4-fluorophenyl)piperazine-1-carboxamide
3 non-polymer 'DIMETHYL SULFOXIDE'
4 non-polymer 1,2-ETHANEDIOL
5 water water
#
_entity_poly.entity_id   1
_entity_poly.type   'polypeptide(L)'
_entity_poly.pdbx_seq_one_letter_code
;SMPKSMQCKVILLDGSEYTCDVEKRSRGQVLFDKVCEHLNLLEKDYFGLTYRDAENQKNWLDPAKEIKKQVRSGAWHFSF
NVKFYPPDPAQLSEDITRYYLCLQLRDDIVSGRLPCSFVTLALLGSYTVQSELGDYDPDECGSDYISEFRFAPNHTKELE
DKVIELHKSHRGMTPAEAEMHFLENAKKLSMYGVDLHHAKDSEGVEIMLGVCASGLLIYRDRLRINRFAWPKVLKISYKR
NNFYIKIRPGEFEQFESTIGFKLPNHRAAKRLWKVCVEHHTFFRLL
;
_entity_poly.pdbx_strand_id   A
#
# COMPACT_ATOMS: atom_id res chain seq x y z
N PRO A 3 6.07 29.78 20.42
CA PRO A 3 6.05 28.87 19.26
C PRO A 3 4.89 27.86 19.34
N LYS A 4 3.81 28.10 18.63
CA LYS A 4 2.54 27.37 18.78
C LYS A 4 2.60 26.00 18.12
N SER A 5 2.22 24.95 18.87
N SER A 5 2.28 24.97 18.91
CA SER A 5 2.33 23.53 18.45
CA SER A 5 2.27 23.54 18.51
C SER A 5 0.93 22.89 18.33
C SER A 5 0.84 23.13 18.11
N MET A 6 0.73 22.08 17.27
CA MET A 6 -0.56 21.37 17.01
C MET A 6 -0.36 19.91 17.41
N GLN A 7 -1.37 19.34 18.04
CA GLN A 7 -1.41 17.93 18.42
C GLN A 7 -1.70 17.09 17.17
N CYS A 8 -0.89 16.08 16.90
CA CYS A 8 -1.04 15.16 15.76
C CYS A 8 -1.39 13.78 16.29
N LYS A 9 -2.40 13.12 15.69
CA LYS A 9 -2.74 11.73 16.01
C LYS A 9 -2.48 10.89 14.76
N VAL A 10 -1.69 9.82 14.93
CA VAL A 10 -1.26 8.93 13.83
C VAL A 10 -1.70 7.50 14.14
N ILE A 11 -2.54 6.92 13.29
CA ILE A 11 -2.91 5.49 13.42
C ILE A 11 -1.73 4.68 12.85
N LEU A 12 -1.14 3.85 13.69
CA LEU A 12 0.01 2.98 13.33
C LEU A 12 -0.52 1.68 12.74
N LEU A 13 0.37 0.91 12.10
CA LEU A 13 -0.07 -0.27 11.33
C LEU A 13 -0.56 -1.38 12.25
N ASP A 14 -0.22 -1.36 13.56
CA ASP A 14 -0.75 -2.35 14.55
C ASP A 14 -2.13 -1.91 15.04
N GLY A 15 -2.64 -0.77 14.57
CA GLY A 15 -3.98 -0.26 14.95
C GLY A 15 -3.92 0.68 16.14
N SER A 16 -2.75 0.84 16.75
CA SER A 16 -2.59 1.77 17.91
C SER A 16 -2.42 3.21 17.40
N GLU A 17 -2.56 4.16 18.32
CA GLU A 17 -2.53 5.63 18.09
C GLU A 17 -1.23 6.19 18.67
N TYR A 18 -0.45 6.92 17.88
CA TYR A 18 0.66 7.76 18.41
C TYR A 18 0.22 9.22 18.36
N THR A 19 0.51 9.93 19.44
CA THR A 19 0.20 11.38 19.61
C THR A 19 1.52 12.12 19.76
N CYS A 20 1.69 13.21 19.04
CA CYS A 20 2.84 14.12 19.25
C CYS A 20 2.44 15.54 18.90
N ASP A 21 3.33 16.47 19.10
CA ASP A 21 3.08 17.89 18.80
C ASP A 21 4.12 18.28 17.77
N VAL A 22 3.75 19.16 16.87
CA VAL A 22 4.71 19.82 15.94
C VAL A 22 4.33 21.30 15.89
N GLU A 23 5.31 22.18 15.64
CA GLU A 23 5.01 23.61 15.41
C GLU A 23 3.98 23.67 14.27
N LYS A 24 3.02 24.61 14.33
CA LYS A 24 1.83 24.64 13.43
C LYS A 24 2.25 24.92 11.96
N ARG A 25 3.39 25.56 11.71
CA ARG A 25 3.92 25.80 10.33
C ARG A 25 4.85 24.63 9.88
N SER A 26 4.92 23.55 10.63
CA SER A 26 5.80 22.38 10.29
C SER A 26 5.48 21.80 8.91
N ARG A 27 6.51 21.32 8.22
CA ARG A 27 6.40 20.53 6.97
C ARG A 27 6.11 19.09 7.34
N GLY A 28 5.56 18.31 6.40
CA GLY A 28 5.15 16.93 6.71
C GLY A 28 6.34 16.08 7.19
N GLN A 29 7.55 16.34 6.66
CA GLN A 29 8.76 15.56 7.03
C GLN A 29 8.94 15.58 8.55
N VAL A 30 8.64 16.71 9.19
CA VAL A 30 8.88 16.88 10.65
C VAL A 30 8.08 15.79 11.37
N LEU A 31 6.80 15.65 11.07
CA LEU A 31 5.91 14.66 11.75
C LEU A 31 6.35 13.24 11.37
N PHE A 32 6.59 13.02 10.10
CA PHE A 32 7.05 11.70 9.61
C PHE A 32 8.32 11.26 10.36
N ASP A 33 9.29 12.14 10.51
CA ASP A 33 10.57 11.79 11.22
C ASP A 33 10.21 11.35 12.64
N LYS A 34 9.30 12.06 13.33
CA LYS A 34 8.89 11.72 14.73
C LYS A 34 8.24 10.34 14.76
N VAL A 35 7.33 10.05 13.82
CA VAL A 35 6.64 8.72 13.80
C VAL A 35 7.69 7.62 13.57
N CYS A 36 8.55 7.80 12.56
CA CYS A 36 9.58 6.79 12.19
C CYS A 36 10.53 6.53 13.36
N GLU A 37 10.96 7.57 14.06
CA GLU A 37 11.79 7.39 15.29
C GLU A 37 11.01 6.59 16.31
N HIS A 38 9.74 6.92 16.55
CA HIS A 38 8.88 6.16 17.47
C HIS A 38 8.90 4.69 17.03
N LEU A 39 8.87 4.45 15.72
CA LEU A 39 8.74 3.05 15.23
C LEU A 39 10.10 2.34 15.15
N ASN A 40 11.22 3.02 15.45
CA ASN A 40 12.62 2.54 15.25
C ASN A 40 12.83 2.14 13.78
N LEU A 41 12.29 2.91 12.86
CA LEU A 41 12.34 2.57 11.42
C LEU A 41 13.41 3.46 10.77
N LEU A 42 14.37 2.81 10.13
CA LEU A 42 15.50 3.49 9.43
C LEU A 42 15.23 3.54 7.93
N GLU A 43 14.63 2.48 7.39
CA GLU A 43 14.38 2.38 5.94
C GLU A 43 13.07 3.11 5.65
N LYS A 44 13.09 4.42 5.80
CA LYS A 44 11.88 5.28 5.78
C LYS A 44 11.33 5.52 4.38
N ASP A 45 12.14 5.35 3.33
CA ASP A 45 11.84 5.71 1.92
C ASP A 45 10.57 5.01 1.40
N TYR A 46 10.24 3.82 1.91
CA TYR A 46 9.08 3.03 1.44
C TYR A 46 7.75 3.54 2.02
N PHE A 47 7.76 4.42 3.02
CA PHE A 47 6.58 4.74 3.87
C PHE A 47 6.21 6.22 3.74
N GLY A 48 5.03 6.56 4.24
CA GLY A 48 4.52 7.93 4.28
C GLY A 48 3.33 8.00 5.20
N LEU A 49 2.80 9.21 5.33
CA LEU A 49 1.61 9.45 6.17
C LEU A 49 0.48 9.82 5.21
N THR A 50 -0.71 9.29 5.46
CA THR A 50 -1.93 9.67 4.73
C THR A 50 -2.81 10.50 5.67
N TYR A 51 -3.64 11.32 5.06
CA TYR A 51 -4.75 12.03 5.70
C TYR A 51 -5.97 11.93 4.78
N ARG A 52 -7.14 12.21 5.34
CA ARG A 52 -8.44 12.22 4.62
C ARG A 52 -8.79 13.67 4.32
N ASP A 53 -9.15 14.00 3.10
CA ASP A 53 -9.41 15.41 2.69
C ASP A 53 -10.87 15.70 2.97
N ALA A 54 -11.28 16.92 2.57
CA ALA A 54 -12.62 17.48 2.82
C ALA A 54 -13.65 16.68 2.01
N GLU A 55 -13.20 15.98 0.96
CA GLU A 55 -14.05 15.04 0.18
C GLU A 55 -13.97 13.60 0.77
N ASN A 56 -13.19 13.37 1.85
CA ASN A 56 -12.96 12.06 2.54
C ASN A 56 -12.07 11.11 1.70
N GLN A 57 -11.28 11.64 0.77
CA GLN A 57 -10.34 10.78 -0.02
C GLN A 57 -9.01 10.69 0.76
N LYS A 58 -8.35 9.54 0.70
CA LYS A 58 -6.95 9.35 1.16
C LYS A 58 -6.01 10.16 0.28
N ASN A 59 -5.18 10.97 0.91
CA ASN A 59 -4.12 11.77 0.28
C ASN A 59 -2.81 11.40 0.98
N TRP A 60 -1.71 11.35 0.24
CA TRP A 60 -0.36 11.34 0.85
C TRP A 60 -0.03 12.73 1.40
N LEU A 61 0.43 12.80 2.64
CA LEU A 61 1.01 14.02 3.23
C LEU A 61 2.35 14.28 2.55
N ASP A 62 2.45 15.39 1.83
CA ASP A 62 3.74 15.71 1.14
C ASP A 62 4.72 16.18 2.20
N PRO A 63 5.84 15.46 2.35
CA PRO A 63 6.80 15.81 3.39
C PRO A 63 7.45 17.17 3.21
N ALA A 64 7.46 17.67 1.98
CA ALA A 64 8.11 18.95 1.59
C ALA A 64 7.22 20.17 1.83
N LYS A 65 5.92 19.97 2.06
CA LYS A 65 4.96 21.10 2.18
C LYS A 65 4.43 21.23 3.60
N GLU A 66 3.94 22.40 3.93
CA GLU A 66 3.39 22.64 5.28
C GLU A 66 2.24 21.66 5.51
N ILE A 67 2.16 21.09 6.70
CA ILE A 67 1.04 20.21 7.08
C ILE A 67 -0.28 21.01 6.98
N LYS A 68 -0.31 22.24 7.52
CA LYS A 68 -1.58 23.04 7.56
C LYS A 68 -2.10 23.30 6.15
N LYS A 69 -1.25 23.42 5.13
CA LYS A 69 -1.72 23.76 3.77
C LYS A 69 -2.20 22.51 3.04
N GLN A 70 -2.13 21.34 3.68
CA GLN A 70 -2.60 20.06 3.11
C GLN A 70 -3.85 19.65 3.88
N VAL A 71 -3.83 19.61 5.22
CA VAL A 71 -5.02 19.17 6.00
C VAL A 71 -6.07 20.29 5.95
N ARG A 72 -5.60 21.53 5.76
CA ARG A 72 -6.44 22.75 5.49
C ARG A 72 -7.45 22.86 6.62
N SER A 73 -8.71 22.50 6.38
CA SER A 73 -9.84 22.70 7.32
C SER A 73 -10.02 21.46 8.20
N GLY A 74 -9.40 20.33 7.83
CA GLY A 74 -9.56 19.05 8.55
C GLY A 74 -8.69 18.90 9.80
N ALA A 75 -8.97 17.83 10.53
CA ALA A 75 -8.27 17.45 11.77
C ALA A 75 -6.84 17.03 11.42
N TRP A 76 -5.93 17.14 12.38
CA TRP A 76 -4.52 16.71 12.21
C TRP A 76 -4.44 15.23 12.63
N HIS A 77 -5.11 14.42 11.84
CA HIS A 77 -5.23 12.98 12.05
C HIS A 77 -4.65 12.29 10.81
N PHE A 78 -3.84 11.29 11.01
CA PHE A 78 -3.06 10.69 9.90
C PHE A 78 -3.03 9.18 10.12
N SER A 79 -2.69 8.46 9.08
CA SER A 79 -2.27 7.05 9.16
C SER A 79 -0.83 6.91 8.67
N PHE A 80 -0.13 5.95 9.22
CA PHE A 80 1.21 5.52 8.78
C PHE A 80 1.09 4.33 7.85
N ASN A 81 1.57 4.45 6.62
CA ASN A 81 1.32 3.46 5.54
C ASN A 81 2.56 3.20 4.69
N VAL A 82 2.56 2.04 4.06
CA VAL A 82 3.53 1.76 2.96
C VAL A 82 3.11 2.61 1.76
N LYS A 83 4.04 3.39 1.24
CA LYS A 83 3.83 4.20 0.03
C LYS A 83 4.38 3.47 -1.20
N PHE A 84 5.60 2.96 -1.12
CA PHE A 84 6.24 2.23 -2.25
C PHE A 84 6.49 0.77 -1.82
N TYR A 85 5.72 -0.16 -2.36
CA TYR A 85 5.82 -1.59 -1.99
C TYR A 85 7.04 -2.17 -2.71
N PRO A 86 8.09 -2.62 -2.02
CA PRO A 86 9.29 -3.12 -2.71
C PRO A 86 8.98 -4.38 -3.49
N PRO A 87 9.35 -4.47 -4.79
CA PRO A 87 9.13 -5.70 -5.54
C PRO A 87 9.91 -6.90 -4.98
N ASP A 88 10.99 -6.66 -4.30
CA ASP A 88 11.75 -7.77 -3.67
C ASP A 88 12.07 -7.44 -2.22
N PRO A 89 11.14 -7.78 -1.31
CA PRO A 89 11.30 -7.43 0.10
C PRO A 89 12.55 -8.06 0.71
N ALA A 90 13.01 -9.19 0.18
CA ALA A 90 14.27 -9.84 0.65
C ALA A 90 15.43 -8.84 0.54
N GLN A 91 15.32 -7.84 -0.31
CA GLN A 91 16.48 -6.92 -0.52
C GLN A 91 16.45 -5.79 0.50
N LEU A 92 15.40 -5.67 1.33
CA LEU A 92 15.40 -4.61 2.37
C LEU A 92 16.48 -4.94 3.39
N SER A 93 17.12 -3.94 3.97
CA SER A 93 18.30 -4.18 4.82
C SER A 93 17.86 -4.62 6.23
N GLU A 94 16.65 -4.25 6.70
CA GLU A 94 16.28 -4.54 8.12
C GLU A 94 15.04 -5.41 8.20
N ASP A 95 15.04 -6.27 9.21
CA ASP A 95 13.90 -7.10 9.55
C ASP A 95 12.72 -6.18 9.95
N ILE A 96 12.96 -5.06 10.64
CA ILE A 96 11.84 -4.25 11.17
C ILE A 96 11.09 -3.63 10.00
N THR A 97 11.81 -3.32 8.91
CA THR A 97 11.20 -2.82 7.67
C THR A 97 10.23 -3.86 7.17
N ARG A 98 10.69 -5.10 7.12
CA ARG A 98 9.87 -6.22 6.58
C ARG A 98 8.66 -6.44 7.50
N TYR A 99 8.84 -6.26 8.79
CA TYR A 99 7.73 -6.36 9.78
C TYR A 99 6.63 -5.34 9.45
N TYR A 100 6.97 -4.07 9.30
CA TYR A 100 5.93 -3.03 9.02
C TYR A 100 5.26 -3.33 7.67
N LEU A 101 6.04 -3.78 6.68
CA LEU A 101 5.49 -4.14 5.35
C LEU A 101 4.45 -5.27 5.53
N CYS A 102 4.75 -6.27 6.34
CA CYS A 102 3.80 -7.36 6.68
C CYS A 102 2.52 -6.78 7.29
N LEU A 103 2.64 -5.88 8.28
CA LEU A 103 1.44 -5.32 8.93
C LEU A 103 0.60 -4.61 7.86
N GLN A 104 1.22 -3.86 6.95
CA GLN A 104 0.45 -3.11 5.91
C GLN A 104 -0.29 -4.13 5.06
N LEU A 105 0.40 -5.19 4.67
CA LEU A 105 -0.16 -6.19 3.74
C LEU A 105 -1.30 -6.94 4.42
N ARG A 106 -1.19 -7.24 5.72
CA ARG A 106 -2.29 -7.90 6.44
C ARG A 106 -3.54 -7.02 6.33
N ASP A 107 -3.39 -5.70 6.40
CA ASP A 107 -4.55 -4.77 6.27
C ASP A 107 -5.02 -4.72 4.81
N ASP A 108 -4.10 -4.72 3.88
CA ASP A 108 -4.43 -4.81 2.45
C ASP A 108 -5.30 -6.04 2.23
N ILE A 109 -4.97 -7.16 2.86
CA ILE A 109 -5.69 -8.43 2.64
C ILE A 109 -7.07 -8.37 3.33
N VAL A 110 -7.14 -8.06 4.62
CA VAL A 110 -8.41 -8.08 5.42
C VAL A 110 -9.42 -7.12 4.77
N SER A 111 -8.92 -6.00 4.24
CA SER A 111 -9.69 -4.89 3.64
C SER A 111 -10.21 -5.30 2.27
N GLY A 112 -9.62 -6.30 1.63
CA GLY A 112 -9.97 -6.73 0.25
C GLY A 112 -9.32 -5.91 -0.81
N ARG A 113 -8.47 -4.93 -0.47
CA ARG A 113 -7.64 -4.22 -1.49
C ARG A 113 -6.70 -5.20 -2.19
N LEU A 114 -6.27 -6.27 -1.50
CA LEU A 114 -5.31 -7.26 -2.07
C LEU A 114 -6.01 -8.61 -2.17
N PRO A 115 -6.63 -8.96 -3.31
CA PRO A 115 -7.35 -10.21 -3.41
C PRO A 115 -6.36 -11.35 -3.36
N CYS A 116 -6.84 -12.50 -2.89
N CYS A 116 -6.77 -12.42 -2.66
CA CYS A 116 -6.03 -13.65 -2.49
CA CYS A 116 -6.02 -13.69 -2.49
C CYS A 116 -6.89 -14.92 -2.51
C CYS A 116 -6.96 -14.87 -2.71
N SER A 117 -6.39 -16.00 -3.10
CA SER A 117 -7.04 -17.33 -3.09
C SER A 117 -7.15 -17.81 -1.63
N PHE A 118 -8.05 -18.74 -1.41
CA PHE A 118 -8.23 -19.47 -0.13
C PHE A 118 -6.88 -19.96 0.38
N VAL A 119 -6.15 -20.72 -0.46
CA VAL A 119 -4.89 -21.35 -0.02
C VAL A 119 -3.87 -20.26 0.36
N THR A 120 -3.75 -19.19 -0.42
CA THR A 120 -2.79 -18.14 -0.08
C THR A 120 -3.23 -17.38 1.19
N LEU A 121 -4.51 -17.06 1.36
CA LEU A 121 -5.00 -16.51 2.67
C LEU A 121 -4.54 -17.40 3.84
N ALA A 122 -4.70 -18.72 3.74
CA ALA A 122 -4.37 -19.65 4.84
C ALA A 122 -2.85 -19.70 5.03
N LEU A 123 -2.08 -19.68 3.94
CA LEU A 123 -0.60 -19.72 4.03
C LEU A 123 -0.07 -18.44 4.67
N LEU A 124 -0.48 -17.27 4.15
CA LEU A 124 -0.15 -15.96 4.77
C LEU A 124 -0.55 -15.96 6.26
N GLY A 125 -1.81 -16.31 6.56
CA GLY A 125 -2.29 -16.47 7.93
C GLY A 125 -1.32 -17.28 8.77
N SER A 126 -0.96 -18.49 8.30
CA SER A 126 -0.10 -19.44 9.06
C SER A 126 1.25 -18.80 9.39
N TYR A 127 1.81 -18.00 8.49
CA TYR A 127 3.11 -17.33 8.75
C TYR A 127 2.92 -16.22 9.79
N THR A 128 1.87 -15.44 9.69
CA THR A 128 1.58 -14.42 10.76
C THR A 128 1.45 -15.10 12.13
N VAL A 129 0.71 -16.21 12.22
CA VAL A 129 0.56 -16.93 13.52
C VAL A 129 1.95 -17.36 13.99
N GLN A 130 2.75 -17.98 13.12
CA GLN A 130 4.09 -18.46 13.51
C GLN A 130 4.92 -17.30 14.05
N SER A 131 4.91 -16.17 13.33
N SER A 131 4.87 -16.15 13.36
CA SER A 131 5.63 -14.93 13.72
CA SER A 131 5.65 -14.93 13.71
C SER A 131 5.15 -14.47 15.10
C SER A 131 5.14 -14.31 15.01
N GLU A 132 3.83 -14.39 15.29
CA GLU A 132 3.25 -13.77 16.52
C GLU A 132 3.19 -14.73 17.73
N LEU A 133 2.86 -16.01 17.55
CA LEU A 133 2.68 -16.93 18.70
C LEU A 133 3.87 -17.88 18.79
N GLY A 134 4.62 -18.06 17.71
CA GLY A 134 5.66 -19.11 17.74
C GLY A 134 5.07 -20.46 17.37
N ASP A 135 5.70 -21.55 17.84
CA ASP A 135 5.39 -22.92 17.36
C ASP A 135 3.95 -23.27 17.70
N TYR A 136 3.30 -24.03 16.82
CA TYR A 136 1.95 -24.57 17.05
C TYR A 136 1.90 -25.26 18.42
N ASP A 137 0.87 -24.94 19.17
CA ASP A 137 0.51 -25.54 20.48
C ASP A 137 -0.92 -26.05 20.41
N PRO A 138 -1.14 -27.38 20.52
CA PRO A 138 -2.50 -27.94 20.56
C PRO A 138 -3.35 -27.41 21.73
N ASP A 139 -2.74 -26.80 22.75
CA ASP A 139 -3.44 -26.32 23.98
C ASP A 139 -4.34 -25.14 23.63
N GLU A 140 -3.87 -24.22 22.79
CA GLU A 140 -4.62 -23.01 22.36
C GLU A 140 -5.29 -23.26 21.01
N CYS A 141 -5.92 -24.44 20.86
CA CYS A 141 -6.53 -24.90 19.61
C CYS A 141 -7.16 -26.28 19.79
N GLY A 142 -8.45 -26.31 20.08
CA GLY A 142 -9.31 -27.50 19.93
C GLY A 142 -9.83 -27.55 18.51
N SER A 143 -10.67 -28.55 18.21
CA SER A 143 -11.31 -28.72 16.88
C SER A 143 -12.22 -27.52 16.57
N ASP A 144 -12.50 -26.63 17.55
CA ASP A 144 -13.44 -25.49 17.40
C ASP A 144 -12.70 -24.14 17.47
N TYR A 145 -11.38 -24.12 17.22
CA TYR A 145 -10.54 -22.89 17.34
C TYR A 145 -10.88 -21.86 16.25
N ILE A 146 -10.99 -20.60 16.70
CA ILE A 146 -11.03 -19.36 15.85
C ILE A 146 -10.01 -18.35 16.39
N SER A 147 -9.02 -17.96 15.57
CA SER A 147 -7.90 -17.06 15.93
C SER A 147 -8.41 -15.64 16.12
N GLU A 148 -7.76 -14.88 17.00
CA GLU A 148 -8.07 -13.44 17.16
C GLU A 148 -7.64 -12.74 15.88
N PHE A 149 -6.68 -13.32 15.16
CA PHE A 149 -6.05 -12.70 13.99
C PHE A 149 -7.12 -12.70 12.92
N ARG A 150 -7.23 -11.55 12.32
CA ARG A 150 -8.00 -11.25 11.10
C ARG A 150 -7.04 -11.61 9.97
N PHE A 151 -7.50 -12.50 9.10
CA PHE A 151 -6.74 -13.12 8.00
C PHE A 151 -7.30 -12.79 6.64
N ALA A 152 -8.56 -12.37 6.54
CA ALA A 152 -9.28 -12.37 5.26
C ALA A 152 -10.47 -11.44 5.35
N PRO A 153 -10.97 -10.97 4.20
CA PRO A 153 -12.13 -10.10 4.20
C PRO A 153 -13.38 -10.86 4.69
N ASN A 154 -13.44 -12.17 4.49
CA ASN A 154 -14.54 -13.02 4.99
C ASN A 154 -13.93 -14.30 5.57
N HIS A 155 -14.12 -14.47 6.86
CA HIS A 155 -13.59 -15.61 7.63
C HIS A 155 -14.58 -16.79 7.57
N THR A 156 -14.06 -18.00 7.39
CA THR A 156 -14.82 -19.26 7.42
C THR A 156 -14.09 -20.21 8.37
N LYS A 157 -14.83 -21.16 8.92
CA LYS A 157 -14.22 -22.20 9.77
C LYS A 157 -13.19 -22.99 8.95
N GLU A 158 -13.44 -23.22 7.67
CA GLU A 158 -12.51 -23.96 6.78
C GLU A 158 -11.18 -23.19 6.70
N LEU A 159 -11.23 -21.85 6.62
CA LEU A 159 -9.98 -21.05 6.49
C LEU A 159 -9.23 -21.19 7.82
N GLU A 160 -9.92 -21.06 8.94
CA GLU A 160 -9.29 -21.17 10.28
C GLU A 160 -8.62 -22.52 10.41
N ASP A 161 -9.26 -23.59 9.91
CA ASP A 161 -8.66 -24.95 10.00
C ASP A 161 -7.39 -25.01 9.14
N LYS A 162 -7.43 -24.41 7.97
CA LYS A 162 -6.29 -24.51 7.04
C LYS A 162 -5.10 -23.71 7.59
N VAL A 163 -5.36 -22.55 8.20
CA VAL A 163 -4.27 -21.79 8.91
C VAL A 163 -3.59 -22.72 9.91
N ILE A 164 -4.35 -23.42 10.72
CA ILE A 164 -3.78 -24.28 11.78
C ILE A 164 -2.96 -25.40 11.14
N GLU A 165 -3.53 -26.08 10.14
CA GLU A 165 -2.82 -27.18 9.45
C GLU A 165 -1.46 -26.70 8.94
N LEU A 166 -1.38 -25.53 8.32
CA LEU A 166 -0.10 -25.00 7.78
C LEU A 166 0.77 -24.53 8.94
N HIS A 167 0.16 -23.98 9.99
CA HIS A 167 0.94 -23.53 11.18
C HIS A 167 1.74 -24.72 11.75
N LYS A 168 1.11 -25.87 11.80
CA LYS A 168 1.80 -27.06 12.34
C LYS A 168 3.10 -27.31 11.58
N SER A 169 3.15 -27.02 10.27
CA SER A 169 4.32 -27.36 9.41
C SER A 169 5.46 -26.36 9.67
N HIS A 170 5.24 -25.26 10.40
CA HIS A 170 6.27 -24.18 10.53
C HIS A 170 7.06 -24.29 11.86
N ARG A 171 7.06 -25.45 12.52
CA ARG A 171 7.78 -25.60 13.81
C ARG A 171 9.25 -25.20 13.67
N GLY A 172 9.74 -24.36 14.59
CA GLY A 172 11.15 -23.91 14.68
C GLY A 172 11.39 -22.62 13.91
N MET A 173 10.35 -22.08 13.25
CA MET A 173 10.49 -20.90 12.38
C MET A 173 10.53 -19.66 13.26
N THR A 174 11.51 -18.80 13.08
CA THR A 174 11.57 -17.57 13.90
C THR A 174 10.70 -16.47 13.27
N PRO A 175 10.39 -15.41 14.04
CA PRO A 175 9.54 -14.33 13.54
C PRO A 175 10.04 -13.70 12.23
N ALA A 176 11.34 -13.43 12.10
CA ALA A 176 11.96 -12.83 10.89
C ALA A 176 11.81 -13.77 9.70
N GLU A 177 12.02 -15.07 9.94
CA GLU A 177 11.89 -16.13 8.92
C GLU A 177 10.44 -16.21 8.41
N ALA A 178 9.47 -16.24 9.33
CA ALA A 178 8.03 -16.35 8.97
C ALA A 178 7.61 -15.08 8.17
N GLU A 179 8.05 -13.91 8.62
CA GLU A 179 7.77 -12.62 7.93
C GLU A 179 8.36 -12.65 6.53
N MET A 180 9.57 -13.18 6.36
CA MET A 180 10.17 -13.24 5.01
C MET A 180 9.34 -14.19 4.14
N HIS A 181 8.91 -15.35 4.64
CA HIS A 181 8.05 -16.27 3.85
C HIS A 181 6.70 -15.59 3.50
N PHE A 182 6.16 -14.88 4.45
CA PHE A 182 4.90 -14.14 4.21
C PHE A 182 5.11 -13.29 2.95
N LEU A 183 6.16 -12.48 2.96
CA LEU A 183 6.46 -11.53 1.89
C LEU A 183 6.78 -12.24 0.57
N GLU A 184 7.46 -13.38 0.60
CA GLU A 184 7.85 -14.10 -0.65
C GLU A 184 6.56 -14.53 -1.36
N ASN A 185 5.53 -14.89 -0.60
CA ASN A 185 4.20 -15.24 -1.16
C ASN A 185 3.39 -13.98 -1.55
N ALA A 186 3.26 -13.02 -0.64
CA ALA A 186 2.44 -11.81 -0.88
C ALA A 186 2.89 -11.07 -2.15
N LYS A 187 4.21 -10.98 -2.36
CA LYS A 187 4.83 -10.15 -3.43
C LYS A 187 4.40 -10.68 -4.79
N LYS A 188 3.93 -11.92 -4.86
CA LYS A 188 3.59 -12.55 -6.17
C LYS A 188 2.13 -12.30 -6.55
N LEU A 189 1.33 -11.79 -5.61
CA LEU A 189 -0.11 -11.61 -5.87
C LEU A 189 -0.25 -10.54 -6.98
N SER A 190 -1.18 -10.75 -7.90
CA SER A 190 -1.30 -9.86 -9.08
C SER A 190 -1.67 -8.43 -8.65
N MET A 191 -2.29 -8.19 -7.48
CA MET A 191 -2.57 -6.80 -7.02
C MET A 191 -1.61 -6.32 -5.95
N TYR A 192 -0.49 -7.01 -5.72
CA TYR A 192 0.54 -6.51 -4.76
C TYR A 192 1.09 -5.12 -5.13
N GLY A 193 0.98 -4.18 -4.21
CA GLY A 193 1.53 -2.82 -4.38
C GLY A 193 0.77 -2.01 -5.44
N VAL A 194 -0.43 -2.42 -5.83
CA VAL A 194 -1.21 -1.70 -6.89
C VAL A 194 -2.14 -0.70 -6.23
N ASP A 195 -1.94 0.59 -6.51
CA ASP A 195 -2.83 1.70 -6.08
C ASP A 195 -3.88 1.91 -7.18
N LEU A 196 -5.16 1.62 -6.91
CA LEU A 196 -6.26 1.67 -7.91
C LEU A 196 -7.00 2.99 -7.87
N HIS A 197 -7.22 3.55 -9.06
CA HIS A 197 -7.94 4.83 -9.25
C HIS A 197 -9.08 4.58 -10.24
N HIS A 198 -10.34 4.82 -9.84
CA HIS A 198 -11.51 4.89 -10.76
C HIS A 198 -11.35 5.98 -11.83
N ALA A 199 -11.71 5.68 -13.06
CA ALA A 199 -11.59 6.60 -14.23
C ALA A 199 -12.51 6.14 -15.37
N LYS A 200 -12.65 7.01 -16.37
CA LYS A 200 -13.33 6.68 -17.65
C LYS A 200 -12.33 6.85 -18.76
N ASP A 201 -12.40 5.98 -19.76
CA ASP A 201 -11.51 6.10 -20.94
C ASP A 201 -12.15 7.18 -21.82
N SER A 202 -11.55 7.44 -22.98
CA SER A 202 -11.92 8.52 -23.94
C SER A 202 -13.30 8.26 -24.54
N GLU A 203 -13.89 7.09 -24.34
CA GLU A 203 -15.25 6.77 -24.82
C GLU A 203 -16.25 6.77 -23.65
N GLY A 204 -15.84 7.17 -22.44
CA GLY A 204 -16.70 7.18 -21.24
C GLY A 204 -16.88 5.82 -20.58
N VAL A 205 -16.14 4.77 -21.00
CA VAL A 205 -16.24 3.40 -20.41
C VAL A 205 -15.46 3.40 -19.08
N GLU A 206 -16.06 2.91 -18.01
CA GLU A 206 -15.51 2.87 -16.64
C GLU A 206 -14.35 1.88 -16.61
N ILE A 207 -13.18 2.35 -16.21
CA ILE A 207 -11.96 1.50 -16.09
C ILE A 207 -11.39 1.74 -14.70
N MET A 208 -10.33 1.02 -14.37
CA MET A 208 -9.48 1.33 -13.20
C MET A 208 -8.07 1.55 -13.73
N LEU A 209 -7.35 2.51 -13.16
CA LEU A 209 -5.92 2.72 -13.44
C LEU A 209 -5.13 2.28 -12.20
N GLY A 210 -4.19 1.36 -12.35
CA GLY A 210 -3.42 0.87 -11.21
C GLY A 210 -2.01 1.43 -11.31
N VAL A 211 -1.47 1.92 -10.21
CA VAL A 211 -0.11 2.48 -10.21
C VAL A 211 0.74 1.53 -9.35
N CYS A 212 1.87 1.09 -9.85
CA CYS A 212 2.74 0.15 -9.10
C CYS A 212 4.18 0.29 -9.58
N ALA A 213 5.07 -0.49 -8.98
CA ALA A 213 6.53 -0.49 -9.25
C ALA A 213 6.81 -0.61 -10.76
N SER A 214 6.09 -1.46 -11.48
CA SER A 214 6.46 -1.84 -12.87
C SER A 214 5.88 -0.83 -13.87
N GLY A 215 4.76 -0.21 -13.54
CA GLY A 215 4.21 0.83 -14.43
C GLY A 215 2.80 1.21 -14.10
N LEU A 216 2.10 1.63 -15.13
CA LEU A 216 0.67 1.97 -15.07
C LEU A 216 -0.08 0.81 -15.69
N LEU A 217 -1.15 0.37 -15.02
CA LEU A 217 -2.06 -0.69 -15.49
C LEU A 217 -3.40 -0.04 -15.86
N ILE A 218 -4.08 -0.56 -16.88
CA ILE A 218 -5.44 -0.13 -17.29
C ILE A 218 -6.34 -1.36 -17.31
N TYR A 219 -7.17 -1.50 -16.29
CA TYR A 219 -8.18 -2.59 -16.14
C TYR A 219 -9.47 -2.14 -16.85
N ARG A 220 -9.65 -2.60 -18.08
CA ARG A 220 -10.85 -2.33 -18.92
C ARG A 220 -11.89 -3.42 -18.65
N ASP A 221 -11.43 -4.67 -18.65
CA ASP A 221 -12.19 -5.87 -18.20
C ASP A 221 -11.19 -6.98 -17.88
N ARG A 222 -11.66 -8.16 -17.46
CA ARG A 222 -10.81 -9.33 -17.11
C ARG A 222 -10.08 -9.82 -18.37
N LEU A 223 -10.66 -9.53 -19.55
CA LEU A 223 -10.14 -9.98 -20.88
C LEU A 223 -9.19 -8.92 -21.47
N ARG A 224 -9.26 -7.67 -20.98
CA ARG A 224 -8.59 -6.49 -21.58
C ARG A 224 -7.81 -5.71 -20.52
N ILE A 225 -6.56 -6.11 -20.23
CA ILE A 225 -5.65 -5.39 -19.29
C ILE A 225 -4.39 -4.94 -20.04
N ASN A 226 -4.28 -3.63 -20.25
CA ASN A 226 -3.12 -2.95 -20.89
C ASN A 226 -2.15 -2.52 -19.78
N ARG A 227 -0.85 -2.67 -20.04
CA ARG A 227 0.23 -2.37 -19.06
C ARG A 227 1.29 -1.52 -19.75
N PHE A 228 1.69 -0.42 -19.11
CA PHE A 228 2.68 0.52 -19.65
C PHE A 228 3.84 0.53 -18.65
N ALA A 229 4.89 -0.25 -18.90
CA ALA A 229 6.15 -0.18 -18.14
C ALA A 229 6.57 1.29 -18.07
N TRP A 230 7.17 1.72 -16.97
CA TRP A 230 7.68 3.11 -16.87
C TRP A 230 8.46 3.48 -18.13
N PRO A 231 9.37 2.61 -18.68
CA PRO A 231 10.07 2.93 -19.93
C PRO A 231 9.20 3.44 -21.08
N LYS A 232 8.02 2.81 -21.28
CA LYS A 232 7.06 3.10 -22.37
C LYS A 232 6.34 4.44 -22.12
N VAL A 233 6.24 4.89 -20.88
CA VAL A 233 5.54 6.16 -20.52
C VAL A 233 6.51 7.34 -20.71
N LEU A 234 6.28 8.16 -21.74
CA LEU A 234 7.12 9.34 -22.10
C LEU A 234 6.84 10.49 -21.13
N LYS A 235 5.55 10.81 -20.98
CA LYS A 235 5.09 12.04 -20.33
C LYS A 235 3.67 11.79 -19.78
N ILE A 236 3.38 12.48 -18.69
CA ILE A 236 2.12 12.37 -17.91
C ILE A 236 1.66 13.80 -17.63
N SER A 237 0.36 14.04 -17.53
CA SER A 237 -0.18 15.40 -17.27
C SER A 237 -1.64 15.33 -16.86
N TYR A 238 -2.11 16.35 -16.15
CA TYR A 238 -3.53 16.52 -15.79
C TYR A 238 -3.96 17.95 -16.13
N LYS A 239 -5.21 18.06 -16.59
CA LYS A 239 -5.82 19.36 -16.96
C LYS A 239 -7.30 19.17 -16.67
N ARG A 240 -7.85 20.03 -15.80
CA ARG A 240 -9.25 19.96 -15.33
C ARG A 240 -9.47 18.58 -14.69
N ASN A 241 -10.45 17.80 -15.18
CA ASN A 241 -10.80 16.45 -14.69
C ASN A 241 -10.04 15.38 -15.48
N ASN A 242 -9.09 15.77 -16.32
CA ASN A 242 -8.44 14.80 -17.23
C ASN A 242 -6.99 14.52 -16.84
N PHE A 243 -6.66 13.24 -16.98
CA PHE A 243 -5.31 12.67 -16.87
C PHE A 243 -4.95 12.11 -18.25
N TYR A 244 -3.83 12.56 -18.82
CA TYR A 244 -3.34 12.14 -20.15
C TYR A 244 -2.01 11.39 -19.97
N ILE A 245 -1.81 10.31 -20.72
CA ILE A 245 -0.52 9.57 -20.74
C ILE A 245 -0.02 9.55 -22.19
N LYS A 246 1.26 9.91 -22.38
CA LYS A 246 1.96 9.84 -23.69
C LYS A 246 2.80 8.57 -23.69
N ILE A 247 2.58 7.69 -24.67
CA ILE A 247 3.25 6.36 -24.80
C ILE A 247 4.27 6.45 -25.95
N ARG A 248 5.50 6.01 -25.68
CA ARG A 248 6.60 5.90 -26.69
C ARG A 248 6.06 5.30 -27.99
N PRO A 249 6.53 5.76 -29.18
CA PRO A 249 6.26 5.04 -30.41
C PRO A 249 6.99 3.69 -30.35
N GLY A 250 6.41 2.65 -30.93
CA GLY A 250 7.15 1.43 -31.29
C GLY A 250 8.28 1.78 -32.24
N GLU A 251 9.36 0.98 -32.24
CA GLU A 251 10.51 1.18 -33.16
C GLU A 251 9.98 1.41 -34.58
N PHE A 252 10.40 2.52 -35.21
CA PHE A 252 10.11 2.90 -36.63
C PHE A 252 8.64 3.35 -36.79
N GLU A 253 7.98 3.71 -35.69
CA GLU A 253 6.76 4.57 -35.71
C GLU A 253 7.22 6.01 -35.46
N GLN A 254 6.56 7.00 -36.05
CA GLN A 254 7.04 8.40 -36.07
C GLN A 254 6.63 9.13 -34.78
N PHE A 255 5.41 8.88 -34.27
CA PHE A 255 4.75 9.74 -33.25
C PHE A 255 4.24 8.91 -32.07
N GLU A 256 4.47 9.42 -30.86
CA GLU A 256 3.90 8.88 -29.60
C GLU A 256 2.36 8.80 -29.73
N SER A 257 1.72 7.92 -28.95
CA SER A 257 0.25 7.89 -28.79
C SER A 257 -0.12 8.62 -27.51
N THR A 258 -1.24 9.35 -27.51
CA THR A 258 -1.83 9.93 -26.28
C THR A 258 -3.07 9.12 -25.94
N ILE A 259 -3.15 8.61 -24.69
CA ILE A 259 -4.40 8.04 -24.11
C ILE A 259 -4.87 9.00 -23.03
N GLY A 260 -6.13 9.41 -23.11
CA GLY A 260 -6.74 10.40 -22.19
C GLY A 260 -7.68 9.69 -21.25
N PHE A 261 -7.70 10.07 -19.97
CA PHE A 261 -8.70 9.52 -19.03
C PHE A 261 -9.46 10.65 -18.35
N LYS A 262 -10.73 10.40 -18.07
CA LYS A 262 -11.59 11.31 -17.27
C LYS A 262 -11.64 10.80 -15.85
N LEU A 263 -11.25 11.64 -14.90
CA LEU A 263 -11.33 11.32 -13.46
C LEU A 263 -12.59 11.99 -12.91
N PRO A 264 -13.03 11.56 -11.70
CA PRO A 264 -14.20 12.14 -11.04
C PRO A 264 -14.21 13.66 -10.92
N ASN A 265 -13.05 14.27 -10.64
CA ASN A 265 -12.95 15.73 -10.40
C ASN A 265 -11.50 16.10 -10.54
N HIS A 266 -11.22 17.39 -10.45
CA HIS A 266 -9.87 17.94 -10.70
C HIS A 266 -8.90 17.40 -9.63
N ARG A 267 -9.35 17.27 -8.38
CA ARG A 267 -8.45 16.81 -7.26
C ARG A 267 -8.10 15.35 -7.48
N ALA A 268 -9.03 14.52 -7.97
CA ALA A 268 -8.77 13.10 -8.25
C ALA A 268 -7.77 12.97 -9.41
N ALA A 269 -7.86 13.85 -10.41
CA ALA A 269 -6.90 13.89 -11.53
C ALA A 269 -5.53 14.27 -10.97
N LYS A 270 -5.47 15.29 -10.12
CA LYS A 270 -4.16 15.80 -9.62
C LYS A 270 -3.50 14.69 -8.77
N ARG A 271 -4.27 14.05 -7.91
CA ARG A 271 -3.80 12.98 -7.00
C ARG A 271 -3.21 11.82 -7.81
N LEU A 272 -3.88 11.39 -8.88
CA LEU A 272 -3.37 10.29 -9.74
C LEU A 272 -2.05 10.74 -10.36
N TRP A 273 -2.00 11.95 -10.91
CA TRP A 273 -0.81 12.55 -11.51
C TRP A 273 0.34 12.46 -10.50
N LYS A 274 0.12 12.85 -9.26
CA LYS A 274 1.24 12.99 -8.28
C LYS A 274 1.73 11.58 -7.87
N VAL A 275 0.83 10.63 -7.67
CA VAL A 275 1.26 9.24 -7.30
C VAL A 275 2.05 8.60 -8.46
N CYS A 276 1.67 8.88 -9.71
CA CYS A 276 2.40 8.44 -10.92
C CYS A 276 3.81 9.06 -10.91
N VAL A 277 3.89 10.39 -10.77
CA VAL A 277 5.18 11.12 -10.66
C VAL A 277 6.06 10.40 -9.62
N GLU A 278 5.52 10.20 -8.41
CA GLU A 278 6.29 9.65 -7.26
C GLU A 278 6.79 8.24 -7.59
N HIS A 279 5.90 7.36 -8.08
CA HIS A 279 6.25 5.94 -8.38
C HIS A 279 7.31 5.90 -9.48
N HIS A 280 7.17 6.69 -10.54
CA HIS A 280 8.14 6.71 -11.66
C HIS A 280 9.53 7.08 -11.12
N THR A 281 9.64 8.17 -10.35
CA THR A 281 10.93 8.61 -9.75
C THR A 281 11.46 7.52 -8.83
N PHE A 282 10.60 6.92 -8.00
CA PHE A 282 11.05 5.87 -7.05
C PHE A 282 11.58 4.66 -7.82
N PHE A 283 10.78 4.17 -8.77
CA PHE A 283 11.06 2.84 -9.39
C PHE A 283 12.03 3.01 -10.58
N ARG A 284 12.33 4.23 -11.00
CA ARG A 284 13.51 4.60 -11.87
C ARG A 284 14.84 4.62 -11.07
N LEU A 285 14.83 4.82 -9.74
CA LEU A 285 16.07 4.88 -8.90
C LEU A 285 16.36 3.51 -8.26
N LEU A 286 15.32 2.85 -7.71
CA LEU A 286 15.38 1.43 -7.26
C LEU A 286 15.77 0.59 -8.48
#